data_4MNR
#
_entry.id   4MNR
#
_cell.length_a   48.060
_cell.length_b   69.159
_cell.length_c   119.975
_cell.angle_alpha   90.00
_cell.angle_beta   90.00
_cell.angle_gamma   90.00
#
_symmetry.space_group_name_H-M   'P 21 21 21'
#
loop_
_entity.id
_entity.type
_entity.pdbx_description
1 polymer 'Peptidoglycan glycosyltransferase'
2 non-polymer 'MAGNESIUM ION'
3 non-polymer 'ACETIC ACID'
4 water water
#
_entity_poly.entity_id   1
_entity_poly.type   'polypeptide(L)'
_entity_poly.pdbx_seq_one_letter_code
;SNAVQADYYQN(MSE)PGNNHTLAKEARSERGTIATYDGVVLARSVKEEDGTYEREYPAGDLASHVVGYSSPQFGNSGIE
KAYNDTLKGEENFASWTDVLNSFAGIGTAGNDVTLTLNSKIQQAAQDALAGRKGACVV(MSE)DPDTGAILA(MSE)ASA
PTYNAADFAAVIEQANANPDDSTLVDRAAGSLYAPGSTFKIVTLATALEDDVAGEDTVFSSPGT(MSE)EIGNATVSNFN
KANYGSLTLAQATELSSNTVFGQLGVE(MSE)GADKLVAGAESFGFNKEIDFPLYTPESL(MSE)PSAEDLQKSPWELAW
AAAGEPVGDTTRPGRESPAGPQATVLE(MSE)A(MSE)VGTAIANDGVI(MSE)QPYLVDSVNNANGERSFSASPTKL
(MSE)QAVSKTTAGRVRDVLLGVVQNGTGTAAAIPGIDVAGKTGTAEKENGNDSWFVG(MSE)APAEDPRVVVAIVIEDG
EEGVGTAKAQNVLKTALEVQGLL
;
_entity_poly.pdbx_strand_id   A
#
# COMPACT_ATOMS: atom_id res chain seq x y z
N ALA A 23 29.82 -9.72 18.20
CA ALA A 23 30.99 -10.09 17.42
C ALA A 23 31.39 -11.54 17.66
N ARG A 24 31.06 -12.06 18.84
CA ARG A 24 31.54 -13.36 19.29
C ARG A 24 30.58 -14.52 19.05
N SER A 25 29.28 -14.24 18.98
CA SER A 25 28.27 -15.29 18.87
C SER A 25 27.47 -15.22 17.58
N GLU A 26 26.87 -16.33 17.19
CA GLU A 26 26.14 -16.41 15.92
C GLU A 26 24.81 -15.68 15.97
N ARG A 27 24.73 -14.56 15.27
CA ARG A 27 23.48 -13.85 15.10
C ARG A 27 22.49 -14.75 14.34
N GLY A 28 21.22 -14.72 14.74
CA GLY A 28 20.21 -15.58 14.12
C GLY A 28 19.96 -15.29 12.65
N THR A 29 19.35 -16.24 11.95
CA THR A 29 19.03 -16.06 10.53
C THR A 29 17.69 -15.37 10.34
N ILE A 30 17.52 -14.72 9.20
CA ILE A 30 16.24 -14.18 8.78
C ILE A 30 15.91 -14.88 7.48
N ALA A 31 14.70 -15.42 7.37
CA ALA A 31 14.33 -16.20 6.19
C ALA A 31 12.86 -15.94 5.81
N THR A 32 12.52 -16.16 4.55
CA THR A 32 11.12 -16.06 4.11
C THR A 32 10.32 -17.27 4.62
N TYR A 33 9.00 -17.19 4.46
CA TYR A 33 8.12 -18.25 4.96
C TYR A 33 8.39 -19.57 4.23
N ASP A 34 8.78 -19.48 2.95
CA ASP A 34 9.11 -20.69 2.19
C ASP A 34 10.58 -21.08 2.29
N GLY A 35 11.31 -20.44 3.19
CA GLY A 35 12.62 -20.94 3.59
C GLY A 35 13.82 -20.37 2.88
N VAL A 36 13.63 -19.30 2.10
CA VAL A 36 14.77 -18.64 1.47
C VAL A 36 15.47 -17.75 2.51
N VAL A 37 16.74 -18.07 2.76
CA VAL A 37 17.53 -17.33 3.73
C VAL A 37 17.91 -15.95 3.19
N LEU A 38 17.55 -14.90 3.93
CA LEU A 38 17.85 -13.53 3.54
C LEU A 38 19.08 -12.99 4.26
N ALA A 39 19.37 -13.53 5.44
CA ALA A 39 20.53 -13.10 6.22
C ALA A 39 20.95 -14.21 7.15
N ARG A 40 22.25 -14.42 7.28
CA ARG A 40 22.76 -15.43 8.20
C ARG A 40 24.16 -14.99 8.62
N SER A 41 24.68 -15.59 9.69
CA SER A 41 26.04 -15.31 10.11
C SER A 41 26.87 -16.56 9.93
N VAL A 42 28.08 -16.39 9.42
CA VAL A 42 28.99 -17.51 9.18
C VAL A 42 30.27 -17.32 9.97
N LYS A 43 30.73 -18.39 10.62
CA LYS A 43 31.93 -18.31 11.43
C LYS A 43 33.17 -18.23 10.55
N GLU A 44 34.00 -17.23 10.83
CA GLU A 44 35.15 -16.93 9.98
C GLU A 44 36.37 -17.78 10.35
N GLU A 45 37.49 -17.48 9.69
CA GLU A 45 38.77 -18.09 9.98
C GLU A 45 39.15 -17.95 11.45
N ASP A 46 39.21 -16.71 11.92
CA ASP A 46 39.66 -16.40 13.27
C ASP A 46 38.62 -16.70 14.35
N GLY A 47 37.55 -17.39 13.97
CA GLY A 47 36.50 -17.75 14.92
C GLY A 47 35.48 -16.65 15.11
N THR A 48 35.64 -15.55 14.38
CA THR A 48 34.69 -14.45 14.44
C THR A 48 33.50 -14.75 13.52
N TYR A 49 32.45 -13.94 13.63
CA TYR A 49 31.28 -14.09 12.77
C TYR A 49 31.08 -12.88 11.85
N GLU A 50 30.66 -13.15 10.62
CA GLU A 50 30.37 -12.10 9.66
C GLU A 50 28.98 -12.33 9.08
N ARG A 51 28.27 -11.24 8.82
CA ARG A 51 26.91 -11.31 8.30
C ARG A 51 26.92 -11.53 6.80
N GLU A 52 26.13 -12.48 6.33
CA GLU A 52 25.98 -12.73 4.90
C GLU A 52 24.55 -12.47 4.46
N TYR A 53 24.39 -11.89 3.26
CA TYR A 53 23.07 -11.65 2.66
C TYR A 53 22.97 -12.37 1.32
N PRO A 54 22.57 -13.65 1.34
CA PRO A 54 22.81 -14.49 0.16
C PRO A 54 21.71 -14.46 -0.90
N ALA A 55 20.69 -13.63 -0.72
CA ALA A 55 19.56 -13.64 -1.64
C ALA A 55 19.49 -12.43 -2.58
N GLY A 56 20.63 -11.80 -2.83
CA GLY A 56 20.67 -10.72 -3.82
C GLY A 56 19.80 -9.56 -3.40
N ASP A 57 18.89 -9.12 -4.27
CA ASP A 57 18.03 -8.00 -3.90
C ASP A 57 16.64 -8.39 -3.40
N LEU A 58 16.48 -9.65 -3.00
CA LEU A 58 15.18 -10.13 -2.52
C LEU A 58 14.81 -9.49 -1.19
N ALA A 59 13.74 -8.68 -1.19
CA ALA A 59 13.27 -8.00 0.00
C ALA A 59 14.33 -7.17 0.74
N SER A 60 15.22 -6.53 0.00
CA SER A 60 16.33 -5.80 0.63
C SER A 60 15.90 -4.79 1.69
N HIS A 61 14.90 -3.98 1.37
CA HIS A 61 14.51 -2.93 2.32
C HIS A 61 13.92 -3.52 3.59
N VAL A 62 13.20 -4.63 3.44
CA VAL A 62 12.59 -5.32 4.57
C VAL A 62 13.65 -5.97 5.48
N VAL A 63 14.58 -6.69 4.88
CA VAL A 63 15.59 -7.41 5.66
C VAL A 63 16.48 -6.43 6.42
N GLY A 64 16.87 -5.35 5.75
CA GLY A 64 17.73 -4.36 6.35
C GLY A 64 19.16 -4.86 6.45
N TYR A 65 19.96 -4.17 7.25
CA TYR A 65 21.34 -4.57 7.43
C TYR A 65 21.71 -4.47 8.88
N SER A 66 22.75 -5.20 9.27
N SER A 66 22.76 -5.20 9.26
CA SER A 66 23.32 -5.12 10.61
CA SER A 66 23.33 -5.12 10.59
C SER A 66 24.83 -4.97 10.48
C SER A 66 24.82 -4.94 10.42
N SER A 67 25.35 -3.84 10.96
CA SER A 67 26.75 -3.49 10.78
C SER A 67 27.29 -2.76 11.98
N PRO A 68 28.52 -3.11 12.41
CA PRO A 68 29.16 -2.42 13.53
C PRO A 68 29.60 -1.01 13.12
N GLN A 69 29.59 -0.74 11.83
CA GLN A 69 29.96 0.57 11.31
C GLN A 69 28.73 1.43 11.05
N PHE A 70 27.73 0.84 10.41
CA PHE A 70 26.57 1.60 9.92
C PHE A 70 25.30 1.41 10.75
N GLY A 71 25.36 0.54 11.75
CA GLY A 71 24.19 0.31 12.60
C GLY A 71 23.22 -0.67 11.94
N ASN A 72 21.93 -0.50 12.19
CA ASN A 72 20.92 -1.43 11.67
C ASN A 72 19.74 -0.74 10.98
N SER A 73 19.02 -1.50 10.16
CA SER A 73 17.75 -1.06 9.61
C SER A 73 16.86 -2.27 9.36
N GLY A 74 15.62 -2.03 8.95
CA GLY A 74 14.71 -3.12 8.61
C GLY A 74 14.48 -4.11 9.73
N ILE A 75 14.36 -5.39 9.37
CA ILE A 75 14.12 -6.44 10.35
C ILE A 75 15.34 -6.63 11.26
N GLU A 76 16.54 -6.45 10.70
CA GLU A 76 17.77 -6.54 11.49
C GLU A 76 17.72 -5.60 12.69
N LYS A 77 17.14 -4.42 12.48
CA LYS A 77 16.94 -3.44 13.54
C LYS A 77 15.78 -3.81 14.46
N ALA A 78 14.62 -4.06 13.88
CA ALA A 78 13.40 -4.27 14.64
C ALA A 78 13.51 -5.49 15.55
N TYR A 79 14.19 -6.51 15.08
CA TYR A 79 14.31 -7.75 15.84
C TYR A 79 15.74 -7.98 16.29
N ASN A 80 16.48 -6.88 16.42
CA ASN A 80 17.88 -6.95 16.83
C ASN A 80 18.10 -7.75 18.12
N ASP A 81 17.27 -7.51 19.12
CA ASP A 81 17.42 -8.19 20.40
C ASP A 81 17.26 -9.71 20.30
N THR A 82 16.28 -10.17 19.53
CA THR A 82 16.08 -11.61 19.39
C THR A 82 17.17 -12.22 18.51
N LEU A 83 17.59 -11.48 17.50
CA LEU A 83 18.59 -11.99 16.56
C LEU A 83 19.97 -12.07 17.20
N LYS A 84 20.27 -11.12 18.07
CA LYS A 84 21.56 -11.03 18.73
C LYS A 84 21.80 -12.19 19.69
N GLY A 85 20.80 -12.46 20.53
CA GLY A 85 20.92 -13.49 21.55
C GLY A 85 21.78 -13.04 22.71
N THR A 104 25.98 -17.91 23.56
CA THR A 104 24.74 -18.52 23.09
C THR A 104 24.23 -17.82 21.83
N ALA A 105 23.92 -18.62 20.81
CA ALA A 105 23.47 -18.09 19.53
C ALA A 105 22.17 -17.29 19.66
N GLY A 106 21.92 -16.43 18.68
CA GLY A 106 20.67 -15.70 18.62
C GLY A 106 19.57 -16.54 18.03
N ASN A 107 18.35 -15.99 18.01
CA ASN A 107 17.20 -16.72 17.52
C ASN A 107 16.95 -16.46 16.04
N ASP A 108 16.33 -17.42 15.37
CA ASP A 108 16.07 -17.33 13.95
C ASP A 108 14.68 -16.76 13.74
N VAL A 109 14.57 -15.83 12.80
CA VAL A 109 13.31 -15.14 12.52
C VAL A 109 12.75 -15.57 11.18
N THR A 110 11.50 -16.04 11.16
CA THR A 110 10.82 -16.42 9.93
C THR A 110 9.77 -15.38 9.55
N LEU A 111 9.91 -14.82 8.35
CA LEU A 111 8.99 -13.80 7.88
C LEU A 111 7.77 -14.44 7.22
N THR A 112 6.75 -13.62 6.98
CA THR A 112 5.55 -14.04 6.27
C THR A 112 5.73 -14.06 4.74
N LEU A 113 6.81 -13.45 4.26
CA LEU A 113 7.00 -13.28 2.82
C LEU A 113 7.10 -14.61 2.09
N ASN A 114 6.51 -14.66 0.89
CA ASN A 114 6.74 -15.79 -0.01
C ASN A 114 7.74 -15.34 -1.07
N SER A 115 8.81 -16.11 -1.28
CA SER A 115 9.87 -15.64 -2.17
C SER A 115 9.42 -15.42 -3.61
N LYS A 116 8.46 -16.23 -4.09
CA LYS A 116 8.01 -16.12 -5.48
C LYS A 116 7.10 -14.90 -5.68
N ILE A 117 6.22 -14.66 -4.71
CA ILE A 117 5.36 -13.49 -4.77
C ILE A 117 6.21 -12.24 -4.60
N GLN A 118 7.18 -12.30 -3.70
CA GLN A 118 8.10 -11.19 -3.50
C GLN A 118 8.86 -10.86 -4.80
N GLN A 119 9.32 -11.89 -5.50
CA GLN A 119 10.04 -11.67 -6.75
C GLN A 119 9.11 -11.04 -7.80
N ALA A 120 7.86 -11.49 -7.84
CA ALA A 120 6.91 -10.94 -8.80
C ALA A 120 6.67 -9.46 -8.52
N ALA A 121 6.55 -9.11 -7.25
CA ALA A 121 6.37 -7.71 -6.86
C ALA A 121 7.57 -6.86 -7.29
N GLN A 122 8.76 -7.40 -7.10
CA GLN A 122 9.96 -6.69 -7.49
C GLN A 122 10.10 -6.59 -9.01
N ASP A 123 9.71 -7.63 -9.72
CA ASP A 123 9.75 -7.61 -11.19
C ASP A 123 8.80 -6.55 -11.76
N ALA A 124 7.66 -6.37 -11.09
CA ALA A 124 6.66 -5.38 -11.50
C ALA A 124 7.24 -3.98 -11.42
N LEU A 125 8.12 -3.77 -10.44
CA LEU A 125 8.71 -2.45 -10.20
C LEU A 125 10.05 -2.24 -10.87
N ALA A 126 10.58 -3.27 -11.53
CA ALA A 126 11.95 -3.20 -12.06
C ALA A 126 12.15 -2.03 -13.03
N GLY A 127 13.14 -1.18 -12.75
CA GLY A 127 13.42 -0.04 -13.61
C GLY A 127 12.53 1.16 -13.32
N ARG A 128 11.69 1.04 -12.31
CA ARG A 128 10.76 2.10 -11.95
C ARG A 128 11.05 2.59 -10.53
N LYS A 129 10.33 3.64 -10.15
CA LYS A 129 10.28 4.10 -8.78
C LYS A 129 8.88 3.79 -8.26
N GLY A 130 8.80 3.19 -7.08
CA GLY A 130 7.48 2.89 -6.52
C GLY A 130 7.52 1.79 -5.49
N ALA A 131 6.37 1.16 -5.27
CA ALA A 131 6.28 0.15 -4.23
C ALA A 131 5.11 -0.77 -4.45
N CYS A 132 5.21 -1.96 -3.87
CA CYS A 132 4.14 -2.95 -3.99
C CYS A 132 4.00 -3.74 -2.69
N VAL A 133 2.77 -3.90 -2.21
CA VAL A 133 2.50 -4.70 -1.02
C VAL A 133 1.43 -5.74 -1.38
N VAL A 134 1.66 -7.00 -1.00
CA VAL A 134 0.69 -8.06 -1.22
C VAL A 134 0.37 -8.62 0.16
N ASP A 136 -2.42 -11.13 2.73
CA ASP A 136 -3.53 -12.09 2.88
C ASP A 136 -4.60 -11.37 3.69
N PRO A 137 -5.75 -11.10 3.08
CA PRO A 137 -6.75 -10.28 3.78
C PRO A 137 -7.37 -10.97 4.98
N ASP A 138 -7.23 -12.28 5.07
N ASP A 138 -7.23 -12.28 5.07
CA ASP A 138 -7.86 -13.02 6.14
CA ASP A 138 -7.85 -13.02 6.15
C ASP A 138 -7.03 -13.02 7.43
C ASP A 138 -7.04 -12.91 7.44
N THR A 139 -5.73 -12.73 7.30
CA THR A 139 -4.83 -12.77 8.46
C THR A 139 -4.09 -11.48 8.73
N GLY A 140 -3.89 -10.67 7.68
CA GLY A 140 -3.01 -9.51 7.76
C GLY A 140 -1.56 -9.84 7.43
N ALA A 141 -1.28 -11.11 7.08
CA ALA A 141 0.10 -11.49 6.75
C ALA A 141 0.57 -10.80 5.47
N ILE A 142 1.79 -10.29 5.51
CA ILE A 142 2.39 -9.66 4.33
C ILE A 142 3.14 -10.69 3.50
N LEU A 143 2.63 -10.95 2.30
CA LEU A 143 3.20 -11.97 1.42
C LEU A 143 4.31 -11.42 0.53
N ALA A 144 4.27 -10.12 0.25
CA ALA A 144 5.33 -9.42 -0.48
C ALA A 144 5.35 -7.95 -0.08
N ALA A 146 7.78 -4.73 -1.50
CA ALA A 146 8.89 -4.33 -2.38
C ALA A 146 8.94 -2.82 -2.61
N SER A 147 10.15 -2.29 -2.66
N SER A 147 10.15 -2.29 -2.67
CA SER A 147 10.36 -0.89 -3.03
CA SER A 147 10.36 -0.89 -3.02
C SER A 147 11.35 -0.85 -4.17
C SER A 147 11.42 -0.78 -4.11
N ALA A 148 11.24 0.18 -5.01
CA ALA A 148 12.16 0.39 -6.12
C ALA A 148 12.45 1.88 -6.22
N PRO A 149 13.70 2.27 -6.54
CA PRO A 149 14.85 1.42 -6.87
C PRO A 149 15.34 0.62 -5.68
N THR A 150 16.06 -0.44 -5.98
CA THR A 150 16.54 -1.31 -4.94
C THR A 150 18.01 -1.62 -5.10
N TYR A 151 18.50 -2.56 -4.31
CA TYR A 151 19.92 -2.86 -4.23
C TYR A 151 20.10 -4.26 -3.67
N ASN A 152 21.29 -4.83 -3.89
CA ASN A 152 21.62 -6.10 -3.24
C ASN A 152 21.89 -5.84 -1.77
N ALA A 153 21.18 -6.58 -0.91
CA ALA A 153 21.32 -6.45 0.54
C ALA A 153 22.76 -6.52 1.00
N ALA A 154 23.56 -7.39 0.36
CA ALA A 154 24.95 -7.57 0.73
C ALA A 154 25.74 -6.28 0.58
N ASP A 155 25.32 -5.44 -0.36
CA ASP A 155 26.07 -4.23 -0.70
C ASP A 155 25.58 -2.97 0.00
N PHE A 156 24.96 -3.13 1.17
CA PHE A 156 24.39 -1.99 1.89
C PHE A 156 25.40 -0.88 2.18
N ALA A 157 26.65 -1.25 2.49
CA ALA A 157 27.67 -0.26 2.82
C ALA A 157 27.99 0.64 1.64
N ALA A 158 28.20 0.04 0.48
CA ALA A 158 28.43 0.80 -0.74
C ALA A 158 27.23 1.67 -1.10
N VAL A 159 26.01 1.18 -0.86
CA VAL A 159 24.79 1.94 -1.15
C VAL A 159 24.63 3.12 -0.20
N ILE A 160 24.99 2.92 1.06
CA ILE A 160 25.01 4.02 2.02
C ILE A 160 26.03 5.08 1.58
N GLU A 161 27.18 4.64 1.09
N GLU A 161 27.18 4.62 1.10
CA GLU A 161 28.22 5.57 0.65
CA GLU A 161 28.24 5.51 0.60
C GLU A 161 27.77 6.39 -0.57
C GLU A 161 27.72 6.39 -0.54
N GLN A 162 26.99 5.77 -1.46
CA GLN A 162 26.43 6.49 -2.60
C GLN A 162 25.40 7.53 -2.17
N ALA A 163 24.59 7.17 -1.18
CA ALA A 163 23.55 8.06 -0.69
C ALA A 163 24.19 9.31 -0.09
N ASN A 164 25.28 9.13 0.63
N ASN A 164 25.28 9.13 0.64
CA ASN A 164 26.00 10.24 1.23
CA ASN A 164 26.01 10.24 1.22
C ASN A 164 26.62 11.15 0.17
C ASN A 164 26.57 11.15 0.14
N ALA A 165 27.14 10.54 -0.89
CA ALA A 165 27.77 11.29 -1.98
C ALA A 165 26.72 12.00 -2.84
N ASN A 166 25.54 11.42 -2.93
CA ASN A 166 24.47 11.98 -3.74
C ASN A 166 23.16 12.04 -2.96
N PRO A 167 22.82 13.23 -2.44
CA PRO A 167 21.60 13.42 -1.63
C PRO A 167 20.34 13.22 -2.46
N ASP A 168 20.52 13.06 -3.76
CA ASP A 168 19.39 12.85 -4.66
C ASP A 168 19.11 11.35 -4.85
N ASP A 169 20.04 10.51 -4.41
CA ASP A 169 19.88 9.06 -4.57
C ASP A 169 18.90 8.51 -3.54
N SER A 170 17.77 7.98 -4.01
CA SER A 170 16.73 7.53 -3.10
C SER A 170 16.60 6.00 -3.00
N THR A 171 17.63 5.28 -3.38
CA THR A 171 17.61 3.82 -3.39
C THR A 171 17.29 3.23 -2.00
N LEU A 172 17.79 3.87 -0.95
CA LEU A 172 17.63 3.35 0.40
C LEU A 172 16.26 3.62 1.00
N VAL A 173 15.44 4.41 0.30
CA VAL A 173 14.13 4.80 0.83
C VAL A 173 13.16 3.61 0.83
N ASP A 174 12.54 3.36 1.97
CA ASP A 174 11.48 2.36 2.07
C ASP A 174 10.20 2.98 1.54
N ARG A 175 9.83 2.63 0.31
CA ARG A 175 8.63 3.21 -0.28
C ARG A 175 7.36 2.47 0.04
N ALA A 176 7.48 1.20 0.43
CA ALA A 176 6.29 0.38 0.67
C ALA A 176 5.61 0.64 2.01
N ALA A 177 6.41 0.87 3.04
CA ALA A 177 5.88 1.12 4.37
C ALA A 177 6.22 2.52 4.84
N GLY A 178 7.32 3.06 4.34
CA GLY A 178 7.95 4.22 4.96
C GLY A 178 7.70 5.59 4.37
N SER A 179 6.87 5.65 3.33
CA SER A 179 6.67 6.87 2.54
C SER A 179 5.18 7.21 2.34
N LEU A 180 4.83 8.50 2.50
CA LEU A 180 3.44 8.93 2.22
C LEU A 180 3.27 9.33 0.77
N TYR A 181 2.17 8.90 0.18
CA TYR A 181 1.82 9.25 -1.20
C TYR A 181 0.40 9.83 -1.24
N ALA A 182 0.11 10.66 -2.24
CA ALA A 182 -1.28 10.95 -2.56
C ALA A 182 -1.85 9.71 -3.25
N PRO A 183 -3.00 9.20 -2.76
CA PRO A 183 -3.52 7.96 -3.33
C PRO A 183 -4.30 8.18 -4.62
N GLY A 184 -4.68 9.44 -4.88
CA GLY A 184 -5.52 9.71 -6.02
C GLY A 184 -6.79 8.87 -5.99
N SER A 185 -7.26 8.50 -7.18
N SER A 185 -7.26 8.50 -7.17
CA SER A 185 -8.54 7.82 -7.32
CA SER A 185 -8.57 7.88 -7.29
C SER A 185 -8.70 6.52 -6.54
C SER A 185 -8.70 6.49 -6.62
N THR A 186 -7.60 5.92 -6.15
CA THR A 186 -7.66 4.69 -5.36
C THR A 186 -8.45 4.91 -4.05
N PHE A 187 -8.35 6.12 -3.53
CA PHE A 187 -9.04 6.50 -2.30
C PHE A 187 -10.56 6.50 -2.46
N LYS A 188 -11.03 6.52 -3.71
CA LYS A 188 -12.47 6.46 -3.93
C LYS A 188 -13.09 5.20 -3.31
N ILE A 189 -12.29 4.18 -3.06
CA ILE A 189 -12.78 3.01 -2.33
C ILE A 189 -13.31 3.46 -0.97
N VAL A 190 -12.55 4.33 -0.29
CA VAL A 190 -12.96 4.87 1.02
C VAL A 190 -14.21 5.75 0.93
N THR A 191 -14.20 6.69 -0.01
CA THR A 191 -15.35 7.57 -0.22
C THR A 191 -16.62 6.79 -0.52
N LEU A 192 -16.54 5.86 -1.46
CA LEU A 192 -17.69 5.01 -1.82
C LEU A 192 -18.18 4.19 -0.64
N ALA A 193 -17.26 3.52 0.04
CA ALA A 193 -17.65 2.70 1.19
C ALA A 193 -18.33 3.53 2.27
N THR A 194 -17.83 4.73 2.49
CA THR A 194 -18.41 5.60 3.49
C THR A 194 -19.81 6.05 3.08
N ALA A 195 -19.97 6.37 1.80
CA ALA A 195 -21.27 6.83 1.30
C ALA A 195 -22.32 5.74 1.42
N LEU A 196 -21.94 4.49 1.13
CA LEU A 196 -22.89 3.40 1.25
C LEU A 196 -23.20 3.07 2.71
N GLU A 197 -22.18 3.06 3.56
CA GLU A 197 -22.36 2.75 4.98
C GLU A 197 -23.28 3.77 5.67
N ASP A 198 -23.14 5.04 5.30
CA ASP A 198 -23.88 6.12 5.94
C ASP A 198 -25.15 6.47 5.19
N ASP A 199 -25.43 5.73 4.12
CA ASP A 199 -26.63 5.91 3.32
C ASP A 199 -26.73 7.31 2.71
N VAL A 200 -25.59 7.88 2.35
CA VAL A 200 -25.57 9.17 1.67
C VAL A 200 -26.04 9.03 0.22
N ALA A 201 -25.63 7.94 -0.42
CA ALA A 201 -26.03 7.64 -1.79
C ALA A 201 -26.02 6.14 -1.94
N GLY A 202 -26.55 5.65 -3.05
CA GLY A 202 -26.47 4.23 -3.37
C GLY A 202 -25.80 4.02 -4.71
N GLU A 203 -25.55 2.77 -5.07
CA GLU A 203 -24.84 2.45 -6.30
C GLU A 203 -25.59 2.99 -7.51
N ASP A 204 -26.91 3.11 -7.36
CA ASP A 204 -27.81 3.53 -8.44
C ASP A 204 -28.09 5.04 -8.46
N THR A 205 -27.52 5.78 -7.51
CA THR A 205 -27.76 7.22 -7.43
C THR A 205 -27.10 7.92 -8.61
N VAL A 206 -27.83 8.81 -9.28
CA VAL A 206 -27.31 9.45 -10.49
C VAL A 206 -26.70 10.81 -10.19
N PHE A 207 -25.51 11.04 -10.75
CA PHE A 207 -24.80 12.31 -10.59
C PHE A 207 -24.39 12.86 -11.96
N SER A 208 -24.36 14.18 -12.09
N SER A 208 -24.34 14.18 -12.10
CA SER A 208 -23.78 14.77 -13.29
CA SER A 208 -23.80 14.75 -13.31
C SER A 208 -22.27 14.52 -13.29
C SER A 208 -22.27 14.58 -13.31
N SER A 209 -21.70 14.25 -14.46
CA SER A 209 -20.26 14.04 -14.57
C SER A 209 -19.61 14.91 -15.65
N PRO A 210 -19.61 16.24 -15.47
CA PRO A 210 -19.00 17.12 -16.48
C PRO A 210 -17.48 17.02 -16.47
N GLY A 211 -16.83 17.52 -17.53
CA GLY A 211 -15.39 17.45 -17.62
C GLY A 211 -14.76 18.34 -16.56
N THR A 212 -15.37 19.49 -16.34
N THR A 212 -15.43 19.45 -16.28
CA THR A 212 -14.95 20.39 -15.29
CA THR A 212 -14.93 20.48 -15.38
C THR A 212 -16.18 20.93 -14.61
C THR A 212 -16.09 21.17 -14.68
N GLU A 214 -17.15 23.99 -11.19
CA GLU A 214 -16.72 24.79 -10.07
C GLU A 214 -17.31 24.25 -8.78
N ILE A 215 -16.44 23.95 -7.82
CA ILE A 215 -16.87 23.61 -6.48
C ILE A 215 -16.03 24.43 -5.53
N GLY A 216 -16.67 25.19 -4.65
CA GLY A 216 -15.95 26.03 -3.70
C GLY A 216 -15.02 27.06 -4.33
N ASN A 217 -15.46 27.66 -5.43
CA ASN A 217 -14.72 28.77 -6.06
C ASN A 217 -13.40 28.40 -6.76
N ALA A 218 -13.17 27.11 -6.97
CA ALA A 218 -12.13 26.68 -7.88
C ALA A 218 -12.65 25.43 -8.59
N THR A 219 -11.81 24.82 -9.42
CA THR A 219 -12.26 23.78 -10.35
C THR A 219 -11.97 22.35 -9.88
N VAL A 220 -12.93 21.45 -10.11
CA VAL A 220 -12.69 20.01 -10.01
C VAL A 220 -12.87 19.50 -11.43
N SER A 221 -11.94 18.66 -11.89
N SER A 221 -11.96 18.64 -11.88
CA SER A 221 -12.00 18.18 -13.28
CA SER A 221 -12.03 18.18 -13.26
C SER A 221 -11.83 16.68 -13.35
C SER A 221 -11.83 16.67 -13.36
N ASN A 222 -12.57 16.06 -14.28
CA ASN A 222 -12.36 14.65 -14.59
C ASN A 222 -11.00 14.53 -15.26
N PHE A 223 -10.44 13.32 -15.22
N PHE A 223 -10.44 13.32 -15.22
CA PHE A 223 -9.18 13.07 -15.92
CA PHE A 223 -9.19 13.05 -15.92
C PHE A 223 -9.38 13.36 -17.40
C PHE A 223 -9.39 13.36 -17.41
N ASN A 224 -8.43 14.10 -17.98
CA ASN A 224 -8.53 14.57 -19.37
C ASN A 224 -9.76 15.44 -19.66
N LYS A 225 -10.34 16.00 -18.62
CA LYS A 225 -11.54 16.83 -18.72
C LYS A 225 -12.67 16.17 -19.53
N ALA A 226 -12.76 14.85 -19.42
CA ALA A 226 -13.79 14.06 -20.09
C ALA A 226 -15.19 14.35 -19.54
N ASN A 227 -16.13 14.64 -20.44
CA ASN A 227 -17.53 14.80 -20.09
C ASN A 227 -18.24 13.45 -20.24
N TYR A 228 -18.69 12.87 -19.15
CA TYR A 228 -19.36 11.58 -19.21
C TYR A 228 -20.87 11.67 -19.11
N GLY A 229 -21.40 12.89 -19.05
CA GLY A 229 -22.83 13.05 -18.90
C GLY A 229 -23.29 12.55 -17.55
N SER A 230 -24.46 11.95 -17.48
CA SER A 230 -24.99 11.53 -16.19
C SER A 230 -24.56 10.10 -15.92
N LEU A 231 -24.03 9.85 -14.72
CA LEU A 231 -23.58 8.51 -14.37
C LEU A 231 -24.19 8.06 -13.05
N THR A 232 -24.49 6.77 -12.92
CA THR A 232 -24.79 6.25 -11.60
C THR A 232 -23.49 6.25 -10.81
N LEU A 233 -23.60 6.18 -9.49
CA LEU A 233 -22.41 6.15 -8.66
C LEU A 233 -21.53 4.95 -8.97
N ALA A 234 -22.13 3.81 -9.30
CA ALA A 234 -21.36 2.64 -9.73
C ALA A 234 -20.58 2.91 -11.01
N GLN A 235 -21.25 3.51 -12.00
CA GLN A 235 -20.59 3.85 -13.26
C GLN A 235 -19.48 4.86 -13.04
N ALA A 236 -19.71 5.81 -12.13
CA ALA A 236 -18.70 6.83 -11.84
C ALA A 236 -17.47 6.22 -11.18
N THR A 237 -17.66 5.12 -10.45
CA THR A 237 -16.53 4.40 -9.86
C THR A 237 -15.80 3.67 -10.99
N GLU A 238 -16.55 3.02 -11.87
CA GLU A 238 -15.94 2.33 -13.02
C GLU A 238 -15.09 3.25 -13.90
N LEU A 239 -15.59 4.46 -14.15
CA LEU A 239 -14.91 5.41 -15.02
C LEU A 239 -13.95 6.31 -14.24
N SER A 240 -14.00 6.19 -12.92
CA SER A 240 -13.22 7.03 -12.01
C SER A 240 -13.46 8.54 -12.20
N SER A 241 -14.71 8.97 -12.10
CA SER A 241 -15.04 10.38 -12.30
C SER A 241 -14.76 11.24 -11.07
N ASN A 242 -13.86 12.22 -11.21
CA ASN A 242 -13.55 13.13 -10.12
C ASN A 242 -14.72 14.08 -9.85
N THR A 243 -15.41 14.51 -10.90
CA THR A 243 -16.51 15.46 -10.68
C THR A 243 -17.70 14.82 -9.95
N VAL A 244 -17.94 13.54 -10.17
CA VAL A 244 -18.98 12.87 -9.39
C VAL A 244 -18.51 12.71 -7.95
N PHE A 245 -17.30 12.22 -7.75
CA PHE A 245 -16.84 12.01 -6.37
C PHE A 245 -16.69 13.32 -5.59
N GLY A 246 -16.36 14.40 -6.29
CA GLY A 246 -16.29 15.70 -5.65
C GLY A 246 -17.65 16.11 -5.11
N GLN A 247 -18.68 15.95 -5.93
CA GLN A 247 -20.03 16.27 -5.52
C GLN A 247 -20.48 15.38 -4.37
N LEU A 248 -20.10 14.10 -4.43
CA LEU A 248 -20.45 13.16 -3.38
C LEU A 248 -19.79 13.58 -2.05
N GLY A 249 -18.54 14.02 -2.11
CA GLY A 249 -17.86 14.56 -0.94
C GLY A 249 -18.58 15.73 -0.30
N VAL A 250 -19.00 16.70 -1.12
CA VAL A 250 -19.73 17.84 -0.61
C VAL A 250 -21.07 17.40 -0.02
N GLU A 251 -21.71 16.43 -0.67
CA GLU A 251 -23.00 15.96 -0.17
C GLU A 251 -22.87 15.26 1.18
N GLY A 253 -20.39 15.67 3.33
CA GLY A 253 -19.89 16.65 4.29
C GLY A 253 -18.59 16.22 4.94
N ALA A 254 -17.91 17.21 5.52
CA ALA A 254 -16.58 16.99 6.08
C ALA A 254 -16.57 15.99 7.23
N ASP A 255 -17.53 16.11 8.16
CA ASP A 255 -17.56 15.23 9.33
C ASP A 255 -17.58 13.76 8.90
N LYS A 256 -18.47 13.43 7.96
CA LYS A 256 -18.62 12.03 7.51
C LYS A 256 -17.41 11.57 6.71
N LEU A 257 -16.85 12.44 5.88
CA LEU A 257 -15.73 11.99 5.06
C LEU A 257 -14.52 11.72 5.94
N VAL A 258 -14.26 12.60 6.90
CA VAL A 258 -13.11 12.42 7.77
C VAL A 258 -13.31 11.18 8.66
N ALA A 259 -14.51 11.02 9.21
CA ALA A 259 -14.82 9.85 10.04
C ALA A 259 -14.67 8.57 9.23
N GLY A 260 -15.09 8.60 7.98
CA GLY A 260 -14.99 7.43 7.13
C GLY A 260 -13.54 7.04 6.87
N ALA A 261 -12.71 8.04 6.59
CA ALA A 261 -11.30 7.78 6.35
C ALA A 261 -10.65 7.24 7.63
N GLU A 262 -11.04 7.81 8.77
CA GLU A 262 -10.47 7.36 10.03
C GLU A 262 -10.84 5.90 10.33
N SER A 263 -12.02 5.48 9.89
N SER A 263 -12.02 5.48 9.88
CA SER A 263 -12.45 4.10 10.08
CA SER A 263 -12.44 4.09 10.09
C SER A 263 -11.56 3.10 9.33
C SER A 263 -11.54 3.10 9.34
N PHE A 264 -10.88 3.57 8.29
CA PHE A 264 -9.98 2.74 7.50
C PHE A 264 -8.54 2.92 7.95
N GLY A 265 -8.31 3.73 8.97
CA GLY A 265 -6.97 3.82 9.52
C GLY A 265 -6.25 5.13 9.35
N PHE A 266 -6.84 6.08 8.64
CA PHE A 266 -6.23 7.40 8.55
C PHE A 266 -6.19 8.07 9.93
N ASN A 267 -5.11 8.81 10.18
CA ASN A 267 -4.89 9.50 11.46
C ASN A 267 -4.77 8.57 12.66
N LYS A 268 -4.42 7.31 12.39
CA LYS A 268 -4.12 6.36 13.45
C LYS A 268 -2.67 5.91 13.34
N GLU A 269 -1.97 5.82 14.47
CA GLU A 269 -0.65 5.24 14.46
C GLU A 269 -0.81 3.73 14.45
N ILE A 270 -0.34 3.12 13.38
CA ILE A 270 -0.45 1.68 13.25
C ILE A 270 0.89 1.04 13.57
N ASP A 271 0.86 0.08 14.48
CA ASP A 271 2.07 -0.58 14.95
C ASP A 271 2.63 -1.45 13.82
N PHE A 272 3.93 -1.36 13.59
CA PHE A 272 4.58 -2.15 12.54
C PHE A 272 6.08 -2.21 12.84
N PRO A 273 6.73 -3.34 12.52
CA PRO A 273 8.15 -3.46 12.87
C PRO A 273 9.04 -2.52 12.06
N LEU A 274 8.59 -2.11 10.88
CA LEU A 274 9.34 -1.14 10.09
C LEU A 274 8.70 0.22 10.27
N TYR A 275 9.50 1.28 10.18
CA TYR A 275 8.98 2.62 10.27
C TYR A 275 7.87 2.83 9.27
N THR A 276 6.71 3.28 9.77
CA THR A 276 5.58 3.57 8.90
C THR A 276 4.94 4.87 9.38
N PRO A 277 4.99 5.91 8.54
CA PRO A 277 4.38 7.17 8.97
C PRO A 277 2.86 7.04 9.02
N GLU A 278 2.25 7.76 9.95
CA GLU A 278 0.80 7.82 10.04
C GLU A 278 0.23 8.34 8.72
N SER A 279 -0.79 7.68 8.18
CA SER A 279 -1.51 8.21 7.02
C SER A 279 -2.40 9.34 7.51
N LEU A 280 -2.59 10.35 6.67
CA LEU A 280 -3.14 11.62 7.14
C LEU A 280 -4.41 12.07 6.42
N PRO A 282 -7.15 15.69 6.63
CA PRO A 282 -7.36 16.98 7.31
C PRO A 282 -8.44 16.85 8.38
N SER A 283 -8.49 17.82 9.29
CA SER A 283 -9.54 17.86 10.29
C SER A 283 -10.85 18.18 9.59
N ALA A 284 -11.96 17.76 10.18
CA ALA A 284 -13.26 18.12 9.65
C ALA A 284 -13.43 19.63 9.66
N GLU A 285 -12.86 20.28 10.68
CA GLU A 285 -12.90 21.74 10.79
C GLU A 285 -12.27 22.44 9.59
N ASP A 286 -11.09 21.97 9.17
CA ASP A 286 -10.44 22.53 7.99
C ASP A 286 -11.19 22.24 6.69
N LEU A 287 -11.71 21.03 6.53
CA LEU A 287 -12.44 20.70 5.31
C LEU A 287 -13.76 21.46 5.20
N GLN A 288 -14.37 21.74 6.34
CA GLN A 288 -15.60 22.52 6.37
C GLN A 288 -15.41 23.89 5.76
N LYS A 289 -14.20 24.43 5.94
CA LYS A 289 -13.88 25.78 5.47
C LYS A 289 -13.69 25.87 3.96
N SER A 290 -13.41 24.75 3.32
CA SER A 290 -13.16 24.74 1.87
C SER A 290 -13.84 23.57 1.18
N PRO A 291 -15.02 23.82 0.58
CA PRO A 291 -15.71 22.81 -0.23
C PRO A 291 -14.82 22.27 -1.34
N TRP A 292 -13.96 23.12 -1.88
CA TRP A 292 -13.04 22.70 -2.93
C TRP A 292 -12.05 21.64 -2.40
N GLU A 293 -11.48 21.89 -1.22
CA GLU A 293 -10.58 20.92 -0.60
C GLU A 293 -11.33 19.63 -0.27
N LEU A 294 -12.57 19.77 0.19
CA LEU A 294 -13.39 18.61 0.55
C LEU A 294 -13.70 17.75 -0.67
N ALA A 295 -14.08 18.42 -1.76
CA ALA A 295 -14.40 17.72 -3.00
C ALA A 295 -13.20 16.95 -3.52
N TRP A 296 -12.03 17.60 -3.56
CA TRP A 296 -10.83 16.90 -4.01
C TRP A 296 -10.39 15.78 -3.07
N ALA A 297 -10.55 15.97 -1.77
CA ALA A 297 -10.18 14.91 -0.83
C ALA A 297 -11.04 13.67 -1.09
N ALA A 298 -12.31 13.88 -1.40
CA ALA A 298 -13.19 12.74 -1.68
C ALA A 298 -12.72 11.99 -2.91
N ALA A 299 -12.03 12.68 -3.80
CA ALA A 299 -11.49 12.06 -5.01
C ALA A 299 -10.05 11.61 -4.82
N GLY A 300 -9.54 11.72 -3.60
CA GLY A 300 -8.22 11.21 -3.31
C GLY A 300 -7.04 12.16 -3.50
N GLU A 301 -7.31 13.45 -3.75
CA GLU A 301 -6.22 14.40 -3.94
C GLU A 301 -6.07 15.34 -2.73
N PRO A 302 -4.87 15.39 -2.15
CA PRO A 302 -4.61 16.26 -1.01
C PRO A 302 -4.22 17.68 -1.44
N VAL A 303 -5.21 18.54 -1.61
CA VAL A 303 -4.95 19.87 -2.15
C VAL A 303 -4.88 20.97 -1.08
N GLY A 304 -5.01 20.59 0.19
CA GLY A 304 -4.92 21.54 1.28
C GLY A 304 -3.64 22.33 1.23
N ASP A 305 -3.75 23.65 1.38
CA ASP A 305 -2.58 24.52 1.26
C ASP A 305 -1.73 24.55 2.53
N THR A 306 -0.65 23.77 2.54
CA THR A 306 0.21 23.72 3.71
C THR A 306 1.29 24.81 3.70
N THR A 307 1.28 25.70 2.70
CA THR A 307 2.18 26.84 2.67
C THR A 307 1.61 28.00 3.47
N ARG A 308 0.38 27.82 3.94
CA ARG A 308 -0.38 28.88 4.59
C ARG A 308 -0.08 28.85 6.07
N PRO A 309 0.54 29.91 6.61
CA PRO A 309 0.76 29.95 8.06
C PRO A 309 -0.56 29.83 8.82
N GLY A 310 -0.53 29.13 9.94
CA GLY A 310 -1.71 29.01 10.77
C GLY A 310 -2.58 27.80 10.51
N ARG A 311 -2.28 27.02 9.46
CA ARG A 311 -3.09 25.84 9.20
C ARG A 311 -2.83 24.77 10.26
N GLU A 312 -3.91 24.27 10.87
CA GLU A 312 -3.80 23.37 12.02
C GLU A 312 -3.61 21.90 11.65
N SER A 313 -4.19 21.48 10.53
CA SER A 313 -4.19 20.06 10.19
C SER A 313 -3.46 19.78 8.88
N PRO A 314 -3.04 18.53 8.65
CA PRO A 314 -2.32 18.25 7.40
C PRO A 314 -3.24 18.26 6.19
N ALA A 315 -2.66 18.29 4.99
CA ALA A 315 -3.40 18.02 3.78
C ALA A 315 -3.65 16.52 3.72
N GLY A 316 -4.71 16.12 3.03
CA GLY A 316 -4.92 14.69 2.88
C GLY A 316 -5.99 14.45 1.85
N PRO A 317 -6.18 13.19 1.47
CA PRO A 317 -5.47 12.04 2.06
C PRO A 317 -4.02 11.88 1.61
N GLN A 318 -3.18 11.44 2.53
CA GLN A 318 -1.83 10.99 2.20
C GLN A 318 -1.70 9.63 2.85
N ALA A 319 -1.22 8.66 2.10
CA ALA A 319 -1.23 7.30 2.62
C ALA A 319 0.05 6.57 2.27
N THR A 320 0.40 5.59 3.11
CA THR A 320 1.44 4.65 2.70
C THR A 320 0.87 3.60 1.78
N VAL A 321 1.73 2.87 1.06
CA VAL A 321 1.25 1.80 0.21
C VAL A 321 0.64 0.70 1.10
N LEU A 322 1.25 0.49 2.27
CA LEU A 322 0.71 -0.45 3.25
C LEU A 322 -0.71 -0.07 3.65
N GLU A 323 -0.96 1.22 3.90
CA GLU A 323 -2.29 1.68 4.24
C GLU A 323 -3.27 1.39 3.11
N ALA A 325 -3.09 -0.97 0.91
CA ALA A 325 -3.32 -2.40 0.91
C ALA A 325 -4.32 -2.75 2.01
N VAL A 327 -6.67 -0.81 3.09
CA VAL A 327 -7.98 -0.42 2.56
C VAL A 327 -8.57 -1.54 1.72
N GLY A 328 -7.74 -2.12 0.86
CA GLY A 328 -8.13 -3.27 0.08
C GLY A 328 -8.55 -4.47 0.93
N THR A 329 -7.80 -4.73 2.00
CA THR A 329 -8.14 -5.88 2.83
C THR A 329 -9.49 -5.69 3.53
N ALA A 330 -9.85 -4.45 3.83
CA ALA A 330 -11.15 -4.18 4.46
C ALA A 330 -12.26 -4.63 3.54
N ILE A 331 -12.14 -4.29 2.26
CA ILE A 331 -13.16 -4.65 1.29
C ILE A 331 -13.18 -6.16 1.05
N ALA A 332 -12.00 -6.77 1.03
CA ALA A 332 -11.86 -8.21 0.82
C ALA A 332 -12.37 -9.06 2.00
N ASN A 333 -12.19 -8.55 3.22
CA ASN A 333 -12.40 -9.35 4.43
C ASN A 333 -13.64 -8.91 5.21
N ASP A 334 -14.75 -8.69 4.50
CA ASP A 334 -16.03 -8.43 5.16
C ASP A 334 -15.99 -7.18 6.06
N GLY A 335 -15.15 -6.22 5.69
CA GLY A 335 -15.12 -4.94 6.35
C GLY A 335 -14.06 -4.82 7.43
N VAL A 336 -13.39 -5.94 7.74
CA VAL A 336 -12.46 -5.97 8.85
C VAL A 336 -11.03 -5.85 8.36
N ILE A 337 -10.30 -4.92 8.95
CA ILE A 337 -8.86 -4.83 8.68
C ILE A 337 -8.11 -5.59 9.74
N GLN A 339 -4.60 -6.71 11.61
CA GLN A 339 -3.31 -6.06 11.87
C GLN A 339 -2.25 -6.59 10.90
N PRO A 340 -1.60 -5.72 10.12
CA PRO A 340 -0.56 -6.22 9.21
C PRO A 340 0.62 -6.77 10.00
N TYR A 341 1.18 -7.90 9.57
CA TYR A 341 2.37 -8.41 10.23
C TYR A 341 3.33 -9.07 9.25
N LEU A 342 4.60 -9.10 9.66
CA LEU A 342 5.69 -9.49 8.80
C LEU A 342 6.48 -10.68 9.37
N VAL A 343 6.36 -10.90 10.69
CA VAL A 343 7.08 -12.01 11.32
C VAL A 343 6.13 -13.12 11.72
N ASP A 344 6.35 -14.32 11.16
CA ASP A 344 5.47 -15.45 11.44
C ASP A 344 5.86 -16.14 12.73
N SER A 345 7.17 -16.27 12.93
CA SER A 345 7.62 -17.02 14.09
C SER A 345 9.08 -16.74 14.42
N VAL A 346 9.45 -17.03 15.66
CA VAL A 346 10.86 -16.97 16.04
C VAL A 346 11.21 -18.28 16.71
N ASN A 347 12.32 -18.87 16.29
CA ASN A 347 12.78 -20.14 16.84
C ASN A 347 14.18 -20.05 17.43
N ASN A 348 14.40 -20.73 18.55
CA ASN A 348 15.70 -20.66 19.20
C ASN A 348 16.72 -21.59 18.53
N ALA A 349 17.98 -21.48 18.94
CA ALA A 349 19.04 -22.31 18.37
C ALA A 349 18.73 -23.78 18.62
N ASN A 350 18.07 -24.04 19.73
CA ASN A 350 17.59 -25.36 20.09
C ASN A 350 16.58 -25.89 19.06
N GLY A 351 15.86 -24.98 18.42
CA GLY A 351 14.83 -25.35 17.47
C GLY A 351 13.45 -25.03 18.01
N GLU A 352 13.38 -24.85 19.33
CA GLU A 352 12.13 -24.52 20.02
C GLU A 352 11.60 -23.16 19.55
N ARG A 353 10.33 -22.90 19.85
CA ARG A 353 9.67 -21.73 19.31
C ARG A 353 9.26 -20.74 20.38
N SER A 354 9.79 -19.51 20.28
CA SER A 354 9.57 -18.48 21.30
C SER A 354 8.52 -17.45 20.92
N PHE A 355 8.18 -17.39 19.63
CA PHE A 355 7.12 -16.51 19.18
C PHE A 355 6.39 -17.13 18.01
N SER A 356 5.07 -17.04 18.04
CA SER A 356 4.21 -17.42 16.93
C SER A 356 3.19 -16.32 16.73
N ALA A 357 3.12 -15.79 15.52
CA ALA A 357 2.18 -14.71 15.24
C ALA A 357 0.76 -15.20 15.41
N SER A 358 -0.07 -14.34 15.98
CA SER A 358 -1.48 -14.64 16.15
C SER A 358 -2.24 -13.55 15.40
N PRO A 359 -2.85 -13.91 14.25
CA PRO A 359 -3.60 -12.91 13.48
C PRO A 359 -4.70 -12.32 14.35
N THR A 360 -4.86 -11.01 14.25
CA THR A 360 -5.71 -10.27 15.18
C THR A 360 -6.37 -9.10 14.46
N LYS A 361 -7.65 -8.86 14.75
CA LYS A 361 -8.34 -7.68 14.22
C LYS A 361 -7.68 -6.37 14.65
N LEU A 362 -7.51 -5.46 13.69
CA LEU A 362 -7.08 -4.11 14.00
C LEU A 362 -8.31 -3.22 14.14
N GLN A 364 -12.68 -2.53 12.52
CA GLN A 364 -13.79 -2.76 11.60
C GLN A 364 -14.04 -1.48 10.81
N ALA A 365 -13.66 -1.46 9.53
CA ALA A 365 -13.84 -0.24 8.72
C ALA A 365 -15.30 0.02 8.36
N VAL A 366 -15.95 -0.99 7.79
CA VAL A 366 -17.36 -0.90 7.41
C VAL A 366 -18.02 -2.25 7.68
N SER A 367 -19.34 -2.32 7.55
CA SER A 367 -20.06 -3.58 7.76
C SER A 367 -19.77 -4.60 6.65
N LYS A 368 -20.04 -5.86 6.95
CA LYS A 368 -19.89 -6.92 5.95
C LYS A 368 -20.75 -6.63 4.73
N THR A 369 -21.98 -6.16 4.95
CA THR A 369 -22.86 -5.81 3.84
C THR A 369 -22.25 -4.71 2.97
N THR A 370 -21.72 -3.68 3.61
CA THR A 370 -21.11 -2.58 2.87
C THR A 370 -19.90 -3.05 2.06
N ALA A 371 -19.04 -3.85 2.71
CA ALA A 371 -17.85 -4.36 2.03
C ALA A 371 -18.23 -5.13 0.77
N GLY A 372 -19.27 -5.95 0.89
CA GLY A 372 -19.72 -6.76 -0.24
C GLY A 372 -20.25 -5.90 -1.36
N ARG A 373 -20.95 -4.82 -1.03
CA ARG A 373 -21.52 -3.95 -2.06
C ARG A 373 -20.39 -3.23 -2.78
N VAL A 374 -19.38 -2.82 -2.02
CA VAL A 374 -18.23 -2.15 -2.63
C VAL A 374 -17.45 -3.12 -3.52
N ARG A 375 -17.28 -4.36 -3.05
N ARG A 375 -17.26 -4.35 -3.04
CA ARG A 375 -16.55 -5.36 -3.82
CA ARG A 375 -16.55 -5.35 -3.84
C ARG A 375 -17.25 -5.60 -5.16
C ARG A 375 -17.25 -5.54 -5.19
N ASP A 376 -18.57 -5.62 -5.16
CA ASP A 376 -19.34 -5.79 -6.40
C ASP A 376 -19.11 -4.63 -7.38
N VAL A 377 -19.02 -3.42 -6.87
CA VAL A 377 -18.73 -2.26 -7.73
C VAL A 377 -17.31 -2.37 -8.29
N LEU A 378 -16.36 -2.80 -7.46
CA LEU A 378 -14.97 -2.94 -7.90
C LEU A 378 -14.76 -4.08 -8.91
N LEU A 379 -15.64 -5.08 -8.88
CA LEU A 379 -15.60 -6.10 -9.91
C LEU A 379 -15.95 -5.42 -11.23
N GLY A 380 -16.89 -4.48 -11.17
CA GLY A 380 -17.28 -3.73 -12.34
C GLY A 380 -16.17 -2.87 -12.92
N VAL A 381 -15.29 -2.35 -12.06
CA VAL A 381 -14.17 -1.56 -12.51
C VAL A 381 -13.31 -2.39 -13.46
N VAL A 382 -13.10 -3.65 -13.08
CA VAL A 382 -12.23 -4.52 -13.85
C VAL A 382 -12.95 -5.10 -15.08
N GLN A 383 -14.23 -5.39 -14.95
CA GLN A 383 -15.00 -5.93 -16.07
C GLN A 383 -15.37 -4.91 -17.13
N ASN A 384 -15.71 -3.69 -16.69
CA ASN A 384 -16.29 -2.71 -17.59
C ASN A 384 -15.68 -1.32 -17.55
N GLY A 385 -14.73 -1.11 -16.65
CA GLY A 385 -14.21 0.23 -16.43
C GLY A 385 -12.73 0.40 -16.72
N THR A 386 -12.08 1.23 -15.91
CA THR A 386 -10.69 1.58 -16.16
C THR A 386 -9.73 0.46 -15.80
N GLY A 387 -10.22 -0.58 -15.14
CA GLY A 387 -9.32 -1.62 -14.66
C GLY A 387 -9.21 -2.90 -15.48
N THR A 388 -9.60 -2.87 -16.75
CA THR A 388 -9.64 -4.11 -17.55
C THR A 388 -8.30 -4.84 -17.68
N ALA A 389 -7.20 -4.10 -17.59
CA ALA A 389 -5.86 -4.70 -17.66
C ALA A 389 -5.55 -5.62 -16.49
N ALA A 390 -6.35 -5.55 -15.42
CA ALA A 390 -6.13 -6.40 -14.26
C ALA A 390 -6.81 -7.76 -14.39
N ALA A 391 -7.60 -7.96 -15.43
CA ALA A 391 -8.31 -9.22 -15.57
C ALA A 391 -7.37 -10.41 -15.71
N ILE A 392 -7.77 -11.54 -15.13
CA ILE A 392 -7.00 -12.76 -15.20
C ILE A 392 -7.92 -13.89 -15.66
N PRO A 393 -7.54 -14.57 -16.75
CA PRO A 393 -8.37 -15.65 -17.30
C PRO A 393 -8.67 -16.72 -16.26
N GLY A 394 -9.95 -16.97 -16.00
CA GLY A 394 -10.36 -18.02 -15.08
C GLY A 394 -10.60 -17.62 -13.63
N ILE A 395 -10.24 -16.40 -13.26
CA ILE A 395 -10.45 -15.93 -11.89
C ILE A 395 -10.99 -14.50 -11.90
N ASP A 396 -12.07 -14.25 -11.18
CA ASP A 396 -12.60 -12.88 -11.11
C ASP A 396 -11.71 -11.99 -10.25
N VAL A 397 -11.35 -10.82 -10.81
CA VAL A 397 -10.53 -9.84 -10.10
C VAL A 397 -11.34 -8.57 -9.88
N ALA A 398 -11.24 -7.99 -8.68
CA ALA A 398 -11.90 -6.72 -8.40
C ALA A 398 -10.88 -5.72 -7.90
N GLY A 399 -11.02 -4.46 -8.28
CA GLY A 399 -10.08 -3.48 -7.78
C GLY A 399 -10.42 -2.08 -8.19
N LYS A 400 -9.57 -1.14 -7.80
CA LYS A 400 -9.75 0.26 -8.16
C LYS A 400 -8.44 0.78 -8.71
N THR A 401 -8.50 1.40 -9.88
CA THR A 401 -7.34 2.07 -10.44
C THR A 401 -7.16 3.44 -9.81
N GLY A 402 -5.95 3.96 -9.93
CA GLY A 402 -5.68 5.28 -9.42
C GLY A 402 -4.72 6.04 -10.29
N THR A 403 -5.01 7.32 -10.42
CA THR A 403 -4.07 8.25 -10.96
C THR A 403 -3.96 9.31 -9.88
N ALA A 404 -2.73 9.64 -9.52
CA ALA A 404 -2.47 10.75 -8.60
C ALA A 404 -1.66 11.84 -9.31
N GLU A 405 -2.23 13.04 -9.33
CA GLU A 405 -1.71 14.15 -10.12
C GLU A 405 -0.34 14.65 -9.68
N LYS A 406 0.57 14.78 -10.65
CA LYS A 406 1.83 15.46 -10.43
C LYS A 406 1.98 16.56 -11.45
N GLU A 407 3.04 17.36 -11.33
CA GLU A 407 3.23 18.53 -12.17
C GLU A 407 3.18 18.21 -13.67
N ASN A 408 3.99 17.26 -14.11
CA ASN A 408 4.03 16.92 -15.54
C ASN A 408 3.71 15.46 -15.83
N GLY A 409 2.83 14.89 -15.02
CA GLY A 409 2.46 13.50 -15.18
C GLY A 409 1.66 13.07 -13.98
N ASN A 410 1.70 11.77 -13.70
CA ASN A 410 0.92 11.21 -12.61
C ASN A 410 1.62 10.02 -11.99
N ASP A 411 1.23 9.68 -10.76
CA ASP A 411 1.58 8.38 -10.21
C ASP A 411 0.47 7.42 -10.53
N SER A 412 0.82 6.19 -10.85
CA SER A 412 -0.15 5.21 -11.30
C SER A 412 -0.35 4.12 -10.26
N TRP A 413 -1.60 3.92 -9.83
CA TRP A 413 -1.93 3.03 -8.73
C TRP A 413 -2.88 1.92 -9.14
N PHE A 414 -2.83 0.80 -8.39
CA PHE A 414 -3.93 -0.15 -8.40
C PHE A 414 -4.03 -0.79 -7.03
N VAL A 415 -5.25 -0.95 -6.52
CA VAL A 415 -5.51 -1.76 -5.34
C VAL A 415 -6.56 -2.78 -5.76
N GLY A 416 -6.28 -4.06 -5.57
CA GLY A 416 -7.23 -5.05 -6.00
C GLY A 416 -7.12 -6.35 -5.25
N ALA A 418 -8.34 -10.85 -5.35
CA ALA A 418 -8.78 -12.01 -6.10
C ALA A 418 -8.78 -13.26 -5.23
N PRO A 419 -9.69 -14.22 -5.49
CA PRO A 419 -10.86 -14.13 -6.38
C PRO A 419 -11.87 -13.14 -5.78
N ALA A 420 -12.57 -12.41 -6.63
CA ALA A 420 -13.46 -11.35 -6.18
C ALA A 420 -14.51 -11.78 -5.13
N GLU A 421 -15.10 -12.96 -5.27
CA GLU A 421 -16.20 -13.34 -4.36
C GLU A 421 -15.76 -13.61 -2.92
N ASP A 422 -14.55 -14.14 -2.75
CA ASP A 422 -13.99 -14.44 -1.43
C ASP A 422 -12.47 -14.38 -1.55
N PRO A 423 -11.91 -13.17 -1.49
CA PRO A 423 -10.50 -13.01 -1.88
C PRO A 423 -9.48 -13.71 -0.99
N ARG A 424 -8.41 -14.20 -1.62
CA ARG A 424 -7.32 -14.86 -0.93
C ARG A 424 -6.06 -14.00 -0.97
N VAL A 425 -6.10 -12.93 -1.76
CA VAL A 425 -4.95 -12.04 -1.89
C VAL A 425 -5.40 -10.63 -2.22
N VAL A 426 -4.71 -9.64 -1.67
CA VAL A 426 -4.90 -8.24 -1.99
C VAL A 426 -3.56 -7.67 -2.44
N VAL A 427 -3.55 -6.88 -3.51
N VAL A 427 -3.60 -6.85 -3.48
CA VAL A 427 -2.32 -6.21 -3.95
CA VAL A 427 -2.41 -6.15 -3.97
C VAL A 427 -2.52 -4.69 -4.07
C VAL A 427 -2.62 -4.64 -3.87
N ALA A 428 -1.54 -3.92 -3.56
CA ALA A 428 -1.53 -2.47 -3.73
C ALA A 428 -0.19 -2.13 -4.38
N ILE A 429 -0.23 -1.33 -5.44
CA ILE A 429 1.01 -0.98 -6.13
C ILE A 429 0.93 0.46 -6.57
N VAL A 430 2.05 1.17 -6.43
CA VAL A 430 2.15 2.52 -7.01
C VAL A 430 3.40 2.56 -7.88
N ILE A 431 3.23 3.09 -9.08
CA ILE A 431 4.37 3.33 -9.96
C ILE A 431 4.51 4.85 -10.12
N GLU A 432 5.58 5.42 -9.59
CA GLU A 432 5.75 6.87 -9.70
C GLU A 432 6.01 7.33 -11.14
N ASP A 433 5.39 8.44 -11.53
CA ASP A 433 5.59 9.00 -12.87
C ASP A 433 5.31 7.97 -13.96
N GLY A 434 4.25 7.19 -13.78
CA GLY A 434 3.97 6.09 -14.68
C GLY A 434 3.04 6.45 -15.81
N GLU A 435 3.14 5.72 -16.91
CA GLU A 435 2.21 5.88 -18.04
C GLU A 435 0.80 5.58 -17.53
N GLU A 436 -0.21 6.13 -18.18
CA GLU A 436 -1.59 5.89 -17.74
C GLU A 436 -1.90 4.40 -17.69
N GLY A 437 -2.39 3.94 -16.54
CA GLY A 437 -2.81 2.56 -16.38
C GLY A 437 -1.73 1.54 -16.08
N VAL A 438 -0.48 1.98 -15.98
CA VAL A 438 0.63 1.02 -15.82
C VAL A 438 0.56 0.28 -14.49
N GLY A 439 0.04 0.94 -13.46
CA GLY A 439 -0.10 0.32 -12.16
C GLY A 439 -1.00 -0.90 -12.25
N THR A 440 -2.08 -0.76 -12.99
CA THR A 440 -3.05 -1.83 -13.16
C THR A 440 -2.45 -2.99 -13.96
N ALA A 441 -1.71 -2.65 -15.01
CA ALA A 441 -1.09 -3.66 -15.85
C ALA A 441 -0.03 -4.45 -15.06
N LYS A 442 0.75 -3.76 -14.24
CA LYS A 442 1.75 -4.46 -13.45
C LYS A 442 1.14 -5.29 -12.32
N ALA A 443 0.06 -4.78 -11.72
CA ALA A 443 -0.63 -5.51 -10.66
C ALA A 443 -1.14 -6.85 -11.19
N GLN A 444 -1.51 -6.90 -12.46
CA GLN A 444 -2.05 -8.13 -13.03
C GLN A 444 -1.06 -9.27 -12.85
N ASN A 445 0.21 -9.00 -13.17
CA ASN A 445 1.27 -9.99 -13.09
C ASN A 445 1.50 -10.46 -11.65
N VAL A 446 1.44 -9.52 -10.71
CA VAL A 446 1.68 -9.86 -9.30
C VAL A 446 0.53 -10.72 -8.76
N LEU A 447 -0.70 -10.32 -9.07
CA LEU A 447 -1.88 -11.11 -8.67
C LEU A 447 -1.84 -12.51 -9.28
N LYS A 448 -1.48 -12.62 -10.56
CA LYS A 448 -1.43 -13.91 -11.24
C LYS A 448 -0.41 -14.80 -10.53
N THR A 449 0.75 -14.25 -10.20
CA THR A 449 1.77 -15.02 -9.51
C THR A 449 1.29 -15.49 -8.15
N ALA A 450 0.67 -14.59 -7.41
CA ALA A 450 0.11 -14.96 -6.11
C ALA A 450 -0.92 -16.10 -6.25
N LEU A 451 -1.80 -16.02 -7.25
CA LEU A 451 -2.80 -17.08 -7.44
C LEU A 451 -2.17 -18.40 -7.86
N GLU A 452 -1.11 -18.33 -8.66
CA GLU A 452 -0.38 -19.54 -9.03
C GLU A 452 0.26 -20.22 -7.81
N VAL A 453 0.91 -19.40 -6.97
CA VAL A 453 1.60 -19.89 -5.79
C VAL A 453 0.61 -20.55 -4.84
N GLN A 454 -0.56 -19.94 -4.72
CA GLN A 454 -1.64 -20.45 -3.86
C GLN A 454 -2.38 -21.64 -4.46
N GLY A 455 -2.09 -21.97 -5.72
CA GLY A 455 -2.68 -23.13 -6.36
C GLY A 455 -3.97 -22.92 -7.12
N LEU A 456 -4.48 -21.69 -7.15
CA LEU A 456 -5.76 -21.40 -7.79
C LEU A 456 -5.63 -21.31 -9.31
N LEU A 457 -4.41 -21.08 -9.77
CA LEU A 457 -4.08 -21.15 -11.19
C LEU A 457 -2.95 -22.13 -11.40
#